data_9LPE
#
_entry.id   9LPE
#
_cell.length_a   73.278
_cell.length_b   73.278
_cell.length_c   170.788
_cell.angle_alpha   90.00
_cell.angle_beta   90.00
_cell.angle_gamma   120.00
#
_symmetry.space_group_name_H-M   'P 32 2 1'
#
loop_
_entity.id
_entity.type
_entity.pdbx_description
1 polymer 'Homeobox-leucine zipper protein PROTODERMAL FACTOR 2'
2 polymer "DNA (5'-D(*CP*TP*AP*AP*AP*TP*GP*CP*AP*GP*TP*GP*CP*AP*TP*TP*TP*A)-3')"
3 polymer "DNA (5'-D(*GP*TP*AP*AP*AP*TP*GP*CP*AP*CP*TP*GP*CP*AP*TP*TP*TP*A)-3')"
#
loop_
_entity_poly.entity_id
_entity_poly.type
_entity_poly.pdbx_seq_one_letter_code
_entity_poly.pdbx_strand_id
1 'polypeptide(L)'
;SGTEVTTENPSGEELQDPSQRPNKKKRYHRHTQRQIQELESFFKECPHPDDKQRKELSRDLNLEPLQVKFWFQNKRTQMK
AQSERHENQILKSDNDKLRAENNRYKEALSNA
;
A,B
2 'polydeoxyribonucleotide' (DC)(DT)(DA)(DA)(DA)(DT)(DG)(DC)(DA)(DG)(DT)(DG)(DC)(DA)(DT)(DT)(DT)(DA) C
3 'polydeoxyribonucleotide' (DG)(DT)(DA)(DA)(DA)(DT)(DG)(DC)(DA)(DC)(DT)(DG)(DC)(DA)(DT)(DT)(DT)(DA) D
#
# COMPACT_ATOMS: atom_id res chain seq x y z
N HIS A 29 -16.36 -11.69 12.58
CA HIS A 29 -15.46 -10.56 12.35
C HIS A 29 -14.51 -10.83 11.15
N ARG A 30 -14.79 -11.93 10.45
CA ARG A 30 -14.17 -12.24 9.18
C ARG A 30 -15.16 -13.08 8.42
N HIS A 31 -14.81 -13.41 7.20
CA HIS A 31 -15.75 -14.07 6.32
C HIS A 31 -15.35 -15.53 6.16
N THR A 32 -16.29 -16.35 5.68
CA THR A 32 -16.10 -17.78 5.57
C THR A 32 -15.26 -18.16 4.35
N GLN A 33 -14.41 -19.19 4.52
CA GLN A 33 -13.57 -19.66 3.42
C GLN A 33 -14.41 -20.12 2.25
N ARG A 34 -15.45 -20.91 2.53
CA ARG A 34 -16.49 -21.18 1.56
C ARG A 34 -16.90 -19.88 0.87
N GLN A 35 -17.18 -18.84 1.65
CA GLN A 35 -17.55 -17.58 1.06
C GLN A 35 -16.41 -16.98 0.25
N ILE A 36 -15.26 -16.78 0.89
CA ILE A 36 -14.22 -15.94 0.32
C ILE A 36 -13.70 -16.51 -0.99
N GLN A 37 -13.68 -17.83 -1.13
CA GLN A 37 -13.34 -18.43 -2.42
C GLN A 37 -14.15 -17.79 -3.54
N GLU A 38 -15.47 -17.86 -3.42
CA GLU A 38 -16.33 -17.35 -4.47
C GLU A 38 -16.13 -15.85 -4.67
N LEU A 39 -15.78 -15.12 -3.61
CA LEU A 39 -15.45 -13.72 -3.80
C LEU A 39 -14.32 -13.57 -4.83
N GLU A 40 -13.16 -14.12 -4.48
CA GLU A 40 -11.99 -14.00 -5.36
C GLU A 40 -12.26 -14.62 -6.72
N SER A 41 -13.08 -15.67 -6.76
CA SER A 41 -13.44 -16.28 -8.01
C SER A 41 -14.14 -15.28 -8.93
N PHE A 42 -15.01 -14.45 -8.37
CA PHE A 42 -15.75 -13.51 -9.20
C PHE A 42 -14.87 -12.34 -9.63
N PHE A 43 -13.98 -11.88 -8.73
CA PHE A 43 -13.19 -10.68 -8.99
C PHE A 43 -12.21 -10.87 -10.14
N LYS A 44 -11.55 -12.04 -10.19
CA LYS A 44 -10.83 -12.40 -11.40
C LYS A 44 -11.75 -12.36 -12.62
N GLU A 45 -12.98 -12.85 -12.48
CA GLU A 45 -13.91 -12.78 -13.59
C GLU A 45 -14.39 -11.34 -13.78
N CYS A 46 -15.10 -10.75 -12.80
CA CYS A 46 -15.77 -9.47 -12.98
C CYS A 46 -15.43 -8.48 -11.87
N PRO A 47 -14.23 -7.89 -11.93
CA PRO A 47 -13.73 -7.13 -10.80
C PRO A 47 -14.46 -5.82 -10.55
N HIS A 48 -15.53 -5.51 -11.29
CA HIS A 48 -16.32 -4.31 -11.01
C HIS A 48 -17.82 -4.61 -11.15
N PRO A 49 -18.49 -4.78 -10.02
CA PRO A 49 -19.93 -5.12 -10.06
C PRO A 49 -20.81 -3.89 -10.09
N ASP A 50 -21.93 -4.05 -10.78
CA ASP A 50 -23.04 -3.14 -10.58
C ASP A 50 -23.71 -3.53 -9.29
N ASP A 51 -24.56 -2.62 -8.82
CA ASP A 51 -25.42 -2.96 -7.69
C ASP A 51 -26.15 -4.26 -7.94
N LYS A 52 -26.79 -4.36 -9.11
CA LYS A 52 -27.51 -5.57 -9.49
C LYS A 52 -26.55 -6.74 -9.36
N GLN A 53 -25.36 -6.61 -9.94
CA GLN A 53 -24.38 -7.69 -9.86
C GLN A 53 -24.10 -8.04 -8.41
N ARG A 54 -23.89 -7.00 -7.60
CA ARG A 54 -23.58 -7.18 -6.19
C ARG A 54 -24.70 -7.90 -5.46
N LYS A 55 -25.95 -7.45 -5.63
CA LYS A 55 -27.02 -8.04 -4.85
C LYS A 55 -27.07 -9.54 -5.02
N GLU A 56 -27.04 -10.02 -6.26
CA GLU A 56 -27.26 -11.44 -6.50
C GLU A 56 -26.22 -12.30 -5.80
N LEU A 57 -24.97 -11.82 -5.74
CA LEU A 57 -23.93 -12.57 -5.04
C LEU A 57 -24.33 -12.80 -3.59
N SER A 58 -24.74 -11.74 -2.91
CA SER A 58 -25.08 -11.83 -1.50
C SER A 58 -26.10 -12.94 -1.28
N ARG A 59 -27.23 -12.88 -1.99
CA ARG A 59 -28.27 -13.90 -1.85
C ARG A 59 -27.66 -15.30 -2.00
N ASP A 60 -26.70 -15.45 -2.92
CA ASP A 60 -26.08 -16.75 -3.12
C ASP A 60 -25.30 -17.20 -1.89
N LEU A 61 -24.61 -16.29 -1.22
CA LEU A 61 -23.73 -16.69 -0.13
C LEU A 61 -23.98 -15.92 1.16
N ASN A 62 -25.25 -15.57 1.41
CA ASN A 62 -25.73 -15.22 2.75
C ASN A 62 -24.89 -14.11 3.39
N LEU A 63 -24.77 -13.00 2.68
CA LEU A 63 -24.06 -11.86 3.24
C LEU A 63 -24.75 -10.56 2.88
N GLU A 64 -24.34 -9.51 3.56
CA GLU A 64 -24.95 -8.24 3.25
C GLU A 64 -24.23 -7.59 2.08
N PRO A 65 -24.96 -6.91 1.21
CA PRO A 65 -24.31 -6.43 -0.01
C PRO A 65 -23.40 -5.26 0.26
N LEU A 66 -23.78 -4.34 1.16
CA LEU A 66 -22.87 -3.26 1.50
C LEU A 66 -21.54 -3.82 2.02
N GLN A 67 -21.61 -4.94 2.77
CA GLN A 67 -20.39 -5.70 2.99
C GLN A 67 -19.76 -6.04 1.66
N VAL A 68 -20.53 -6.71 0.81
CA VAL A 68 -20.00 -7.11 -0.49
C VAL A 68 -19.44 -5.90 -1.19
N LYS A 69 -20.20 -4.82 -1.22
CA LYS A 69 -19.68 -3.59 -1.79
C LYS A 69 -18.33 -3.24 -1.18
N PHE A 70 -18.26 -3.23 0.15
CA PHE A 70 -17.05 -2.77 0.81
C PHE A 70 -15.86 -3.62 0.39
N TRP A 71 -16.02 -4.93 0.48
CA TRP A 71 -14.92 -5.82 0.13
C TRP A 71 -14.37 -5.49 -1.25
N PHE A 72 -15.25 -5.42 -2.23
CA PHE A 72 -14.86 -5.15 -3.60
C PHE A 72 -14.00 -3.91 -3.73
N GLN A 73 -14.28 -2.90 -2.93
CA GLN A 73 -13.40 -1.74 -2.88
C GLN A 73 -12.06 -2.12 -2.27
N ASN A 74 -12.11 -2.90 -1.19
CA ASN A 74 -10.89 -3.17 -0.45
C ASN A 74 -9.95 -4.09 -1.22
N LYS A 75 -10.54 -5.08 -1.89
CA LYS A 75 -9.76 -5.85 -2.85
C LYS A 75 -9.09 -4.93 -3.85
N ARG A 76 -9.77 -3.88 -4.29
CA ARG A 76 -9.16 -2.96 -5.24
C ARG A 76 -7.98 -2.22 -4.62
N THR A 77 -8.12 -1.82 -3.37
CA THR A 77 -6.97 -1.23 -2.70
C THR A 77 -5.88 -2.25 -2.53
N GLN A 78 -6.26 -3.50 -2.30
CA GLN A 78 -5.27 -4.54 -2.15
C GLN A 78 -4.37 -4.62 -3.38
N MET A 79 -5.00 -4.76 -4.54
CA MET A 79 -4.21 -4.92 -5.76
C MET A 79 -3.34 -3.70 -5.98
N LYS A 80 -3.80 -2.53 -5.62
N LYS A 80 -3.85 -2.53 -5.74
CA LYS A 80 -2.93 -1.35 -5.64
CA LYS A 80 -3.02 -1.33 -5.87
C LYS A 80 -1.64 -1.62 -4.90
C LYS A 80 -1.82 -1.43 -4.94
N ALA A 81 -1.72 -2.24 -3.71
N ALA A 81 -2.08 -1.67 -3.66
CA ALA A 81 -0.51 -2.61 -2.98
CA ALA A 81 -1.00 -1.67 -2.67
C ALA A 81 0.31 -3.64 -3.76
C ALA A 81 0.05 -2.73 -2.97
N GLN A 82 -0.35 -4.62 -4.38
N GLN A 82 -0.38 -3.95 -3.30
CA GLN A 82 0.37 -5.58 -5.20
CA GLN A 82 0.59 -5.02 -3.50
C GLN A 82 0.97 -4.91 -6.43
C GLN A 82 1.33 -4.89 -4.81
N SER A 83 0.22 -4.00 -7.04
N SER A 83 0.65 -4.50 -5.89
CA SER A 83 0.74 -3.25 -8.19
CA SER A 83 1.32 -4.29 -7.16
C SER A 83 1.91 -2.37 -7.80
C SER A 83 2.47 -3.31 -7.01
N GLU A 84 2.15 -2.19 -6.50
N GLU A 84 2.29 -2.32 -6.13
CA GLU A 84 3.31 -1.42 -6.05
CA GLU A 84 3.35 -1.38 -5.80
C GLU A 84 4.56 -2.28 -5.97
C GLU A 84 4.41 -1.99 -4.88
N ARG A 85 4.51 -3.39 -5.23
N ARG A 85 3.99 -2.74 -3.86
CA ARG A 85 5.69 -4.24 -5.08
CA ARG A 85 4.95 -3.24 -2.87
C ARG A 85 6.19 -4.73 -6.43
C ARG A 85 5.94 -4.20 -3.50
N HIS A 86 5.26 -5.01 -7.34
N HIS A 86 5.42 -5.23 -4.18
CA HIS A 86 5.64 -5.40 -8.70
CA HIS A 86 6.27 -6.17 -4.88
C HIS A 86 6.30 -4.24 -9.45
C HIS A 86 7.22 -5.44 -5.81
N GLU A 87 5.72 -3.04 -9.35
N GLU A 87 6.70 -4.51 -6.60
CA GLU A 87 6.30 -1.90 -10.05
CA GLU A 87 7.54 -3.78 -7.54
C GLU A 87 7.63 -1.49 -9.42
C GLU A 87 8.68 -3.05 -6.82
N ASN A 88 7.81 -1.77 -8.13
N ASN A 88 8.35 -2.32 -5.75
CA ASN A 88 9.13 -1.58 -7.52
CA ASN A 88 9.37 -1.55 -5.02
C ASN A 88 10.17 -2.47 -8.16
C ASN A 88 10.41 -2.46 -4.39
N GLN A 89 9.89 -3.77 -8.24
N GLN A 89 9.96 -3.47 -3.64
CA GLN A 89 10.81 -4.69 -8.89
CA GLN A 89 10.88 -4.43 -3.07
C GLN A 89 10.97 -4.35 -10.36
C GLN A 89 11.68 -5.15 -4.15
N ILE A 90 9.89 -3.89 -11.00
N ILE A 90 11.18 -5.19 -5.39
CA ILE A 90 9.93 -3.59 -12.44
CA ILE A 90 11.87 -5.86 -6.49
C ILE A 90 10.91 -2.47 -12.72
C ILE A 90 12.83 -4.94 -7.20
N LEU A 91 10.90 -1.42 -11.90
N LEU A 91 12.35 -3.79 -7.66
CA LEU A 91 11.73 -0.25 -12.15
CA LEU A 91 13.20 -2.89 -8.43
C LEU A 91 13.19 -0.51 -11.81
C LEU A 91 14.39 -2.42 -7.60
N LYS A 92 13.45 -1.27 -10.73
N LYS A 92 14.17 -2.18 -6.30
CA LYS A 92 14.83 -1.62 -10.40
CA LYS A 92 15.29 -1.89 -5.41
C LYS A 92 15.47 -2.42 -11.52
C LYS A 92 16.35 -2.97 -5.53
N SER A 93 14.70 -3.35 -12.12
N SER A 93 15.94 -4.23 -5.52
CA SER A 93 15.17 -4.10 -13.28
CA SER A 93 16.89 -5.33 -5.67
C SER A 93 15.43 -3.17 -14.45
C SER A 93 17.43 -5.42 -7.09
N ASP A 94 14.52 -2.24 -14.71
N ASP A 94 16.57 -5.19 -8.09
CA ASP A 94 14.76 -1.28 -15.78
CA ASP A 94 17.04 -5.27 -9.47
C ASP A 94 15.89 -0.32 -15.44
C ASP A 94 18.01 -4.15 -9.80
N ASN A 95 16.13 -0.09 -14.14
N ASN A 95 17.65 -2.90 -9.45
CA ASN A 95 17.19 0.83 -13.74
CA ASN A 95 18.57 -1.80 -9.63
C ASN A 95 18.56 0.30 -14.15
C ASN A 95 19.79 -1.93 -8.73
N ASP A 96 18.84 -0.95 -13.82
N ASP A 96 19.69 -2.71 -7.65
CA ASP A 96 20.13 -1.53 -14.15
CA ASP A 96 20.87 -2.98 -6.82
C ASP A 96 20.29 -1.68 -15.66
C ASP A 96 21.81 -3.95 -7.53
N LYS A 97 19.29 -2.24 -16.33
N LYS A 97 21.27 -5.07 -8.07
CA LYS A 97 19.37 -2.44 -17.77
CA LYS A 97 22.12 -6.09 -8.66
C LYS A 97 19.66 -1.12 -18.49
C LYS A 97 22.81 -5.59 -9.92
N LEU A 98 19.05 -0.04 -18.02
N LEU A 98 22.11 -4.78 -10.72
CA LEU A 98 19.34 1.28 -18.57
CA LEU A 98 22.72 -4.23 -11.93
C LEU A 98 20.83 1.60 -18.45
C LEU A 98 23.91 -3.35 -11.59
N ARG A 99 21.41 1.32 -17.29
N ARG A 99 23.84 -2.60 -10.48
CA ARG A 99 22.82 1.61 -17.07
CA ARG A 99 24.94 -1.70 -10.12
C ARG A 99 23.70 0.83 -18.04
C ARG A 99 26.22 -2.48 -9.84
N ALA A 100 23.38 -0.44 -18.29
N ALA A 100 26.13 -3.62 -9.15
CA ALA A 100 24.20 -1.26 -19.17
CA ALA A 100 27.32 -4.44 -8.91
C ALA A 100 24.20 -0.70 -20.58
C ALA A 100 27.95 -4.88 -10.22
N GLU A 101 23.02 -0.33 -21.09
N GLU A 101 27.13 -5.20 -11.23
CA GLU A 101 22.93 0.15 -22.46
CA GLU A 101 27.65 -5.59 -12.53
C GLU A 101 23.70 1.45 -22.63
C GLU A 101 28.41 -4.43 -13.19
N ASN A 102 23.47 2.41 -21.72
N ASN A 102 27.89 -3.20 -13.05
CA ASN A 102 24.12 3.72 -21.84
CA ASN A 102 28.54 -2.04 -13.68
C ASN A 102 25.63 3.61 -21.70
C ASN A 102 29.95 -1.83 -13.14
N ASN A 103 26.10 2.79 -20.76
N ASN A 103 30.12 -1.97 -11.81
CA ASN A 103 27.54 2.61 -20.60
CA ASN A 103 31.44 -1.80 -11.21
C ASN A 103 28.16 2.01 -21.84
C ASN A 103 32.40 -2.93 -11.56
N ARG A 104 27.41 1.17 -22.57
N ARG A 104 31.90 -4.16 -11.66
CA ARG A 104 27.88 0.67 -23.85
CA ARG A 104 32.75 -5.26 -12.13
C ARG A 104 28.08 1.80 -24.85
C ARG A 104 33.24 -5.01 -13.55
N TYR A 105 27.22 2.83 -24.78
N TYR A 105 32.47 -4.25 -14.35
CA TYR A 105 27.35 3.96 -25.69
CA TYR A 105 32.92 -3.87 -15.68
C TYR A 105 28.68 4.71 -25.49
C TYR A 105 34.01 -2.81 -15.64
N LYS A 106 29.09 4.91 -24.25
N LYS A 106 33.79 -1.75 -14.85
CA LYS A 106 30.30 5.67 -23.94
CA LYS A 106 34.73 -0.63 -14.82
C LYS A 106 31.56 4.88 -24.27
C LYS A 106 36.12 -1.05 -14.29
N TYR B 28 -19.36 4.77 11.52
CA TYR B 28 -18.84 4.61 12.88
C TYR B 28 -18.65 5.98 13.55
N HIS B 29 -17.46 6.21 14.09
CA HIS B 29 -17.12 7.49 14.71
C HIS B 29 -15.67 7.84 14.44
N ARG B 30 -15.47 8.87 13.63
CA ARG B 30 -14.16 9.43 13.31
C ARG B 30 -13.66 10.31 14.45
N HIS B 31 -12.50 10.91 14.22
CA HIS B 31 -11.78 11.61 15.26
C HIS B 31 -11.88 13.12 15.10
N THR B 32 -11.95 13.80 16.24
CA THR B 32 -12.17 15.24 16.24
C THR B 32 -10.99 15.94 15.61
N GLN B 33 -11.26 17.10 15.02
CA GLN B 33 -10.21 17.92 14.46
C GLN B 33 -9.18 18.30 15.52
N ARG B 34 -9.65 18.65 16.73
CA ARG B 34 -8.71 18.90 17.80
C ARG B 34 -7.75 17.73 17.92
N GLN B 35 -8.32 16.53 18.00
CA GLN B 35 -7.53 15.31 18.05
C GLN B 35 -6.56 15.24 16.88
N ILE B 36 -7.10 15.20 15.67
CA ILE B 36 -6.26 14.99 14.49
C ILE B 36 -5.26 16.12 14.31
N GLN B 37 -5.64 17.36 14.64
CA GLN B 37 -4.67 18.43 14.47
C GLN B 37 -3.49 18.23 15.41
N GLU B 38 -3.78 18.03 16.69
CA GLU B 38 -2.73 17.63 17.62
C GLU B 38 -1.98 16.40 17.13
N LEU B 39 -2.68 15.48 16.48
CA LEU B 39 -2.03 14.32 15.90
C LEU B 39 -1.01 14.75 14.87
N GLU B 40 -1.46 15.46 13.84
CA GLU B 40 -0.56 15.92 12.79
C GLU B 40 0.60 16.73 13.40
N SER B 41 0.31 17.53 14.43
CA SER B 41 1.37 18.28 15.09
C SER B 41 2.36 17.35 15.78
N PHE B 42 1.88 16.39 16.59
CA PHE B 42 2.81 15.51 17.29
C PHE B 42 3.46 14.51 16.33
N PHE B 43 2.74 14.06 15.30
CA PHE B 43 3.31 13.04 14.43
C PHE B 43 4.62 13.51 13.82
N LYS B 44 4.73 14.82 13.57
CA LYS B 44 6.01 15.39 13.18
C LYS B 44 7.10 15.09 14.23
N GLU B 45 6.74 15.12 15.51
CA GLU B 45 7.78 15.06 16.56
C GLU B 45 8.29 13.64 16.73
N CYS B 46 7.43 12.71 17.17
CA CYS B 46 7.81 11.34 17.50
C CYS B 46 6.89 10.41 16.76
N PRO B 47 7.13 10.16 15.46
CA PRO B 47 6.26 9.31 14.68
C PRO B 47 6.33 7.84 15.08
N HIS B 48 7.16 7.52 16.08
CA HIS B 48 7.12 6.22 16.73
C HIS B 48 7.19 6.39 18.22
N PRO B 49 6.06 6.57 18.92
CA PRO B 49 6.06 6.87 20.33
C PRO B 49 5.76 5.68 21.24
N ASP B 50 6.42 5.70 22.40
CA ASP B 50 6.40 4.57 23.29
C ASP B 50 5.12 4.57 24.12
N ASP B 51 4.93 3.52 24.93
CA ASP B 51 3.76 3.46 25.79
C ASP B 51 3.62 4.72 26.62
N LYS B 52 4.68 5.08 27.35
CA LYS B 52 4.65 6.22 28.25
C LYS B 52 4.05 7.44 27.56
N GLN B 53 4.67 7.90 26.47
CA GLN B 53 4.13 9.05 25.78
C GLN B 53 2.77 8.74 25.18
N ARG B 54 2.60 7.54 24.59
CA ARG B 54 1.29 7.12 24.15
C ARG B 54 0.27 7.22 25.28
N LYS B 55 0.70 6.86 26.49
CA LYS B 55 -0.21 6.92 27.64
C LYS B 55 -0.69 8.34 27.93
N GLU B 56 0.22 9.33 27.90
CA GLU B 56 -0.21 10.71 28.17
C GLU B 56 -1.09 11.23 27.04
N LEU B 57 -0.60 11.10 25.81
CA LEU B 57 -1.36 11.57 24.66
C LEU B 57 -2.74 10.97 24.65
N SER B 58 -2.83 9.67 24.85
CA SER B 58 -4.13 9.03 24.95
C SER B 58 -4.99 9.73 26.00
N ARG B 59 -4.46 9.88 27.21
CA ARG B 59 -5.18 10.65 28.22
C ARG B 59 -5.29 12.10 27.80
N ASP B 60 -4.18 12.72 27.38
CA ASP B 60 -4.18 14.14 27.06
C ASP B 60 -5.19 14.48 25.98
N LEU B 61 -5.60 13.51 25.16
CA LEU B 61 -6.47 13.84 24.03
C LEU B 61 -7.76 13.03 24.00
N ASN B 62 -8.27 12.63 25.17
CA ASN B 62 -9.58 11.99 25.29
C ASN B 62 -9.69 10.78 24.38
N LEU B 63 -8.73 9.87 24.53
CA LEU B 63 -8.60 8.77 23.61
C LEU B 63 -8.40 7.48 24.35
N GLU B 64 -8.83 6.46 23.74
CA GLU B 64 -8.43 5.13 24.11
C GLU B 64 -7.07 4.84 23.50
N PRO B 65 -6.06 4.47 24.26
CA PRO B 65 -4.68 4.49 23.75
C PRO B 65 -4.48 3.47 22.67
N LEU B 66 -5.28 2.41 22.70
CA LEU B 66 -5.31 1.51 21.57
C LEU B 66 -5.57 2.29 20.30
N GLN B 67 -6.65 3.07 20.30
CA GLN B 67 -6.91 3.96 19.17
C GLN B 67 -5.65 4.74 18.85
N VAL B 68 -5.05 5.31 19.88
CA VAL B 68 -3.82 6.06 19.70
C VAL B 68 -2.76 5.17 19.07
N LYS B 69 -2.55 4.00 19.67
CA LYS B 69 -1.57 3.08 19.13
C LYS B 69 -1.92 2.75 17.69
N PHE B 70 -3.21 2.58 17.40
CA PHE B 70 -3.63 2.17 16.09
C PHE B 70 -3.30 3.21 15.05
N TRP B 71 -3.80 4.42 15.24
CA TRP B 71 -3.70 5.43 14.21
C TRP B 71 -2.27 5.63 13.77
N PHE B 72 -1.34 5.58 14.71
CA PHE B 72 0.04 5.70 14.32
C PHE B 72 0.45 4.58 13.41
N GLN B 73 0.13 3.34 13.78
CA GLN B 73 0.52 2.23 12.93
C GLN B 73 0.08 2.51 11.50
N ASN B 74 -1.19 2.88 11.32
CA ASN B 74 -1.65 3.25 9.99
C ASN B 74 -0.97 4.52 9.50
N LYS B 75 -0.96 5.57 10.32
CA LYS B 75 -0.25 6.78 9.92
C LYS B 75 1.16 6.41 9.50
N ARG B 76 1.80 5.53 10.25
CA ARG B 76 3.08 5.00 9.82
C ARG B 76 2.95 4.33 8.46
N THR B 77 2.04 3.36 8.34
CA THR B 77 1.97 2.55 7.13
C THR B 77 1.71 3.40 5.91
N GLN B 78 0.89 4.45 6.07
CA GLN B 78 0.58 5.29 4.93
C GLN B 78 1.86 5.87 4.34
N MET B 79 2.75 6.36 5.20
CA MET B 79 3.88 7.13 4.69
C MET B 79 4.86 6.28 3.92
N LYS B 80 5.16 5.07 4.40
CA LYS B 80 6.04 4.19 3.64
C LYS B 80 5.50 3.97 2.24
N ALA B 81 4.18 3.75 2.14
CA ALA B 81 3.55 3.60 0.83
C ALA B 81 3.65 4.89 0.03
N GLN B 82 3.32 6.01 0.66
CA GLN B 82 3.38 7.30 -0.04
C GLN B 82 4.81 7.61 -0.48
N SER B 83 5.78 7.32 0.38
CA SER B 83 7.18 7.60 0.07
C SER B 83 7.69 6.70 -1.04
N GLU B 84 7.41 5.39 -0.93
CA GLU B 84 7.87 4.49 -1.97
C GLU B 84 7.15 4.74 -3.30
N ARG B 85 5.92 5.27 -3.25
CA ARG B 85 5.24 5.67 -4.48
C ARG B 85 5.98 6.81 -5.17
N HIS B 86 6.46 7.79 -4.40
CA HIS B 86 7.32 8.82 -4.95
C HIS B 86 8.67 8.23 -5.34
N GLU B 87 9.24 7.38 -4.46
CA GLU B 87 10.39 6.59 -4.84
C GLU B 87 10.10 5.85 -6.14
N ASN B 88 8.87 5.34 -6.27
CA ASN B 88 8.43 4.65 -7.49
C ASN B 88 8.42 5.60 -8.69
N GLN B 89 7.62 6.67 -8.61
CA GLN B 89 7.38 7.51 -9.78
C GLN B 89 8.65 8.21 -10.23
N ILE B 90 9.51 8.58 -9.28
CA ILE B 90 10.77 9.24 -9.63
C ILE B 90 11.72 8.23 -10.27
N LEU B 91 11.84 7.03 -9.70
CA LEU B 91 12.63 6.00 -10.35
C LEU B 91 12.01 5.55 -11.67
N LYS B 92 10.72 5.85 -11.89
CA LYS B 92 10.04 5.43 -13.10
C LYS B 92 10.34 6.38 -14.27
N SER B 93 10.19 7.69 -14.07
CA SER B 93 10.38 8.64 -15.17
C SER B 93 11.85 8.78 -15.55
N ASP B 94 12.76 8.61 -14.59
CA ASP B 94 14.19 8.69 -14.88
C ASP B 94 14.61 7.60 -15.87
N ASN B 95 14.21 6.35 -15.60
CA ASN B 95 14.60 5.24 -16.46
C ASN B 95 14.05 5.40 -17.87
N ASP B 96 12.78 5.83 -17.99
CA ASP B 96 12.15 5.93 -19.31
C ASP B 96 12.74 7.07 -20.14
N LYS B 97 12.89 8.25 -19.54
CA LYS B 97 13.33 9.43 -20.28
C LYS B 97 14.72 9.23 -20.88
N LEU B 98 15.54 8.38 -20.26
CA LEU B 98 16.89 8.15 -20.78
C LEU B 98 16.86 7.55 -22.18
N ARG B 99 15.95 6.61 -22.41
CA ARG B 99 15.89 5.85 -23.67
C ARG B 99 15.88 6.73 -24.91
#